data_2CN0
#
_entry.id   2CN0
#
_cell.length_a   70.640
_cell.length_b   71.410
_cell.length_c   72.520
_cell.angle_alpha   90.00
_cell.angle_beta   100.35
_cell.angle_gamma   90.00
#
_symmetry.space_group_name_H-M   'C 1 2 1'
#
loop_
_entity.id
_entity.type
_entity.pdbx_description
1 polymer 'PROTHROMBIN PRECURSOR'
2 polymer 'HIRUDIN IIA'
3 polymer 'PROTHROMBIN PRECURSOR'
4 non-polymer 4-(1R,3AS,4R,8AS,8BR)-[1-DIFLUOROMETHYL-2-(4-FLUOROBENZYL)-3-OXODECAHYDROPYRROLO[3,4-A]PYRROLIZIN-4-YL]BENZAMIDINE
5 non-polymer 'SODIUM ION'
6 non-polymer 'CALCIUM ION'
7 water water
#
loop_
_entity_poly.entity_id
_entity_poly.type
_entity_poly.pdbx_seq_one_letter_code
_entity_poly.pdbx_strand_id
1 'polypeptide(L)'
;IVEGSDAEIGMSPWQVMLFRKSPQELLCGASLISDRWVLTAAHCLLYPPWDKNFTENDLLVRIGKHSRTRYERNIEKISM
LEKIYIHPRYNWRENLDRDIALMKLKKPVAFSDYIHPVCLPDRETAASLLQAGYKGRVTGWGNLKETWTANVGKGQPSVL
QVVNLPIVERPVCKDSTRIRITDNMFCAGYKPDEGKRGDACEGDSGGPFVMKSPFNNRWYQMGIVSWGEGCDRDGKYGFY
THVFRLKKWIQKVIDQF
;
H
2 'polypeptide(L)' (SIN)FEEIPEEYLQ I
3 'polypeptide(L)' ADCGLRPLFEKKSLEDKTERELLESYID L
#
# COMPACT_ATOMS: atom_id res chain seq x y z
N ILE A 1 -1.03 -5.59 10.08
CA ILE A 1 0.44 -5.64 10.07
C ILE A 1 0.84 -6.44 11.30
N VAL A 2 1.64 -7.50 11.09
CA VAL A 2 2.10 -8.36 12.18
C VAL A 2 3.51 -7.92 12.53
N GLU A 3 3.78 -7.78 13.82
CA GLU A 3 5.09 -7.41 14.33
C GLU A 3 5.56 -6.03 13.85
N GLY A 4 4.61 -5.11 13.68
CA GLY A 4 4.90 -3.71 13.42
C GLY A 4 4.79 -2.86 14.65
N SER A 5 4.64 -1.56 14.42
CA SER A 5 4.53 -0.59 15.51
C SER A 5 3.53 0.47 15.12
N ASP A 6 3.05 1.24 16.08
CA ASP A 6 2.14 2.33 15.76
C ASP A 6 2.84 3.34 14.86
N ALA A 7 2.14 3.80 13.83
CA ALA A 7 2.61 4.91 13.03
C ALA A 7 2.64 6.20 13.83
N GLU A 8 3.52 7.11 13.45
CA GLU A 8 3.45 8.49 13.93
C GLU A 8 2.39 9.24 13.15
N ILE A 9 1.83 10.28 13.76
CA ILE A 9 0.91 11.16 13.05
C ILE A 9 1.53 11.74 11.80
N GLY A 10 0.83 11.69 10.69
CA GLY A 10 1.27 12.21 9.41
C GLY A 10 2.43 11.46 8.79
N MET A 11 2.75 10.27 9.29
CA MET A 11 3.86 9.49 8.77
C MET A 11 3.62 8.91 7.39
N SER A 12 2.36 8.63 7.08
CA SER A 12 1.96 7.98 5.83
C SER A 12 0.76 8.71 5.28
N PRO A 13 0.93 9.96 4.86
CA PRO A 13 -0.23 10.76 4.57
C PRO A 13 -0.96 10.39 3.27
N TRP A 14 -0.33 9.50 2.51
CA TRP A 14 -0.92 8.91 1.33
C TRP A 14 -1.74 7.66 1.66
N GLN A 15 -1.78 7.20 2.90
CA GLN A 15 -2.45 5.96 3.23
C GLN A 15 -3.94 6.18 3.07
N VAL A 16 -4.62 5.23 2.43
CA VAL A 16 -6.06 5.29 2.24
C VAL A 16 -6.69 4.03 2.82
N MET A 17 -7.86 4.20 3.45
CA MET A 17 -8.66 3.08 3.90
C MET A 17 -9.81 2.89 2.92
N LEU A 18 -9.91 1.70 2.35
CA LEU A 18 -11.11 1.35 1.58
C LEU A 18 -12.12 0.76 2.55
N PHE A 19 -13.31 1.35 2.56
CA PHE A 19 -14.27 1.13 3.62
C PHE A 19 -15.55 0.64 2.99
N ARG A 20 -16.02 -0.53 3.38
CA ARG A 20 -17.27 -1.06 2.87
C ARG A 20 -18.43 -0.32 3.50
N LYS A 21 -19.43 0.02 2.68
CA LYS A 21 -20.57 0.79 3.17
C LYS A 21 -21.52 -0.02 4.05
N SER A 22 -21.72 -1.28 3.68
CA SER A 22 -22.74 -2.12 4.33
C SER A 22 -22.36 -3.59 4.11
N PRO A 23 -21.93 -4.31 5.16
CA PRO A 23 -21.68 -3.85 6.53
C PRO A 23 -20.49 -2.91 6.58
N GLN A 24 -20.47 -2.00 7.55
CA GLN A 24 -19.33 -1.09 7.73
C GLN A 24 -18.13 -1.89 8.19
N GLU A 25 -17.11 -1.97 7.35
CA GLU A 25 -15.93 -2.74 7.72
C GLU A 25 -14.73 -2.33 6.86
N LEU A 26 -13.52 -2.60 7.34
CA LEU A 26 -12.28 -2.39 6.57
C LEU A 26 -12.22 -3.41 5.47
N LEU A 27 -12.06 -2.95 4.25
CA LEU A 27 -11.90 -3.86 3.14
C LEU A 27 -10.46 -4.07 2.76
N CYS A 28 -9.69 -2.99 2.70
CA CYS A 28 -8.35 -3.04 2.17
C CYS A 28 -7.65 -1.73 2.41
N GLY A 29 -6.36 -1.71 2.17
CA GLY A 29 -5.58 -0.49 2.08
C GLY A 29 -5.57 0.01 0.64
N ALA A 30 -4.98 1.18 0.48
CA ALA A 30 -4.86 1.83 -0.80
C ALA A 30 -3.96 3.03 -0.60
N SER A 31 -3.65 3.74 -1.66
N SER A 31 -3.66 3.75 -1.67
CA SER A 31 -2.84 4.92 -1.55
CA SER A 31 -2.69 4.84 -1.66
C SER A 31 -3.38 6.05 -2.42
C SER A 31 -3.15 6.02 -2.54
N LEU A 32 -3.02 7.25 -2.01
CA LEU A 32 -3.28 8.46 -2.72
C LEU A 32 -2.16 8.82 -3.66
N ILE A 33 -2.43 8.89 -4.96
CA ILE A 33 -1.40 9.27 -5.93
C ILE A 33 -1.60 10.61 -6.59
N SER A 34 -2.75 11.22 -6.38
CA SER A 34 -3.04 12.60 -6.80
C SER A 34 -4.28 13.04 -6.06
N ASP A 35 -4.77 14.24 -6.36
CA ASP A 35 -6.03 14.69 -5.73
C ASP A 35 -7.28 13.89 -6.09
N ARG A 36 -7.16 13.09 -7.15
N ARG A 36 -7.26 13.13 -7.20
CA ARG A 36 -8.28 12.49 -7.83
CA ARG A 36 -8.45 12.37 -7.61
C ARG A 36 -8.16 10.97 -8.01
C ARG A 36 -8.22 10.90 -7.88
N TRP A 37 -6.99 10.42 -7.72
CA TRP A 37 -6.68 9.00 -8.04
C TRP A 37 -6.14 8.27 -6.83
N VAL A 38 -6.66 7.06 -6.62
CA VAL A 38 -6.22 6.15 -5.57
C VAL A 38 -5.79 4.83 -6.20
N LEU A 39 -4.71 4.26 -5.71
CA LEU A 39 -4.13 3.03 -6.21
C LEU A 39 -4.35 1.93 -5.21
N THR A 40 -4.71 0.72 -5.69
CA THR A 40 -4.88 -0.41 -4.78
C THR A 40 -4.64 -1.69 -5.55
N ALA A 41 -4.91 -2.82 -4.89
CA ALA A 41 -4.75 -4.14 -5.49
C ALA A 41 -6.03 -4.53 -6.16
N ALA A 42 -5.95 -5.11 -7.36
CA ALA A 42 -7.18 -5.61 -8.01
C ALA A 42 -7.96 -6.57 -7.14
N HIS A 43 -7.26 -7.41 -6.37
CA HIS A 43 -7.97 -8.43 -5.57
C HIS A 43 -8.84 -7.84 -4.47
N CYS A 44 -8.58 -6.58 -4.12
CA CYS A 44 -9.43 -5.88 -3.16
C CYS A 44 -10.83 -5.63 -3.69
N LEU A 45 -10.93 -5.60 -5.01
CA LEU A 45 -12.15 -5.23 -5.72
C LEU A 45 -12.78 -6.38 -6.46
N LEU A 46 -11.94 -7.29 -6.96
CA LEU A 46 -12.42 -8.35 -7.81
C LEU A 46 -11.68 -9.63 -7.48
N TYR A 47 -12.36 -10.61 -6.92
CA TYR A 47 -11.74 -11.92 -6.68
C TYR A 47 -12.86 -12.97 -6.75
N PRO A 48 -13.22 -13.40 -7.97
CA PRO A 48 -14.34 -14.32 -8.17
C PRO A 48 -14.29 -15.63 -7.36
N PRO A 49 -13.13 -16.21 -7.10
CA PRO A 49 -13.17 -17.44 -6.29
C PRO A 49 -13.89 -17.26 -4.93
N TRP A 50 -13.80 -16.05 -4.35
CA TRP A 50 -14.50 -15.74 -3.09
C TRP A 50 -15.72 -14.87 -3.30
N ASP A 51 -16.25 -14.85 -4.51
CA ASP A 51 -17.41 -14.04 -4.86
C ASP A 51 -17.26 -12.58 -4.45
N LYS A 52 -16.07 -12.04 -4.68
CA LYS A 52 -15.82 -10.61 -4.45
C LYS A 52 -15.88 -9.87 -5.76
N ASN A 53 -16.78 -8.88 -5.84
CA ASN A 53 -16.91 -8.07 -7.05
C ASN A 53 -17.59 -6.77 -6.69
N PHE A 54 -16.82 -5.84 -6.17
CA PHE A 54 -17.39 -4.59 -5.71
C PHE A 54 -17.74 -3.64 -6.88
N THR A 55 -18.77 -2.83 -6.69
CA THR A 55 -19.08 -1.77 -7.63
C THR A 55 -18.65 -0.46 -6.97
N GLU A 56 -18.67 0.65 -7.71
CA GLU A 56 -18.23 1.94 -7.15
C GLU A 56 -19.05 2.30 -5.91
N ASN A 57 -20.35 2.04 -5.98
CA ASN A 57 -21.27 2.45 -4.90
C ASN A 57 -21.22 1.60 -3.63
N ASP A 58 -20.42 0.54 -3.63
CA ASP A 58 -20.30 -0.34 -2.46
C ASP A 58 -19.31 0.14 -1.41
N LEU A 59 -18.37 1.01 -1.77
N LEU A 59 -18.46 1.10 -1.79
CA LEU A 59 -17.34 1.41 -0.84
CA LEU A 59 -17.27 1.45 -1.02
C LEU A 59 -17.08 2.90 -0.83
C LEU A 59 -17.10 2.95 -0.83
N LEU A 60 -16.35 3.33 0.20
CA LEU A 60 -15.90 4.70 0.38
C LEU A 60 -14.39 4.63 0.56
N VAL A 61 -13.73 5.75 0.28
CA VAL A 61 -12.32 5.96 0.53
C VAL A 61 -12.23 6.93 1.69
N ARG A 62 -11.44 6.57 2.69
CA ARG A 62 -11.19 7.43 3.87
C ARG A 62 -9.70 7.75 3.92
N ILE A 63 -9.41 9.04 3.90
CA ILE A 63 -8.09 9.56 3.67
C ILE A 63 -7.73 10.43 4.88
N GLY A 64 -6.48 10.41 5.26
CA GLY A 64 -6.01 11.18 6.41
C GLY A 64 -6.19 10.53 7.76
N LYS A 65 -6.43 9.23 7.80
CA LYS A 65 -6.76 8.56 9.04
C LYS A 65 -5.53 8.08 9.83
N HIS A 66 -5.77 7.89 11.11
CA HIS A 66 -4.77 7.34 12.01
C HIS A 66 -5.46 6.25 12.82
N SER A 67 -6.50 6.62 13.56
CA SER A 67 -7.29 5.63 14.25
C SER A 67 -7.99 4.69 13.27
N ARG A 68 -8.04 3.41 13.58
CA ARG A 68 -8.73 2.44 12.72
C ARG A 68 -10.24 2.72 12.70
N THR A 69 -10.82 2.79 13.89
CA THR A 69 -12.30 2.75 13.99
C THR A 69 -13.01 4.09 14.18
N ARG A 70 -12.30 5.08 14.68
CA ARG A 70 -12.93 6.36 14.98
C ARG A 70 -13.20 7.17 13.73
N TYR A 71 -14.27 7.96 13.79
CA TYR A 71 -14.49 8.98 12.78
C TYR A 71 -13.62 10.15 13.23
N GLU A 72 -12.58 10.45 12.47
CA GLU A 72 -11.58 11.43 12.90
C GLU A 72 -11.98 12.78 12.38
N ARG A 73 -12.92 13.33 13.12
CA ARG A 73 -13.46 14.55 12.75
C ARG A 73 -12.38 15.63 12.56
N ASN A 74 -12.58 16.40 11.50
CA ASN A 74 -11.84 17.62 11.16
C ASN A 74 -10.48 17.21 10.65
N ILE A 75 -10.27 15.92 10.45
CA ILE A 75 -8.97 15.40 10.04
C ILE A 75 -9.13 14.52 8.81
N GLU A 76 -9.86 13.44 8.94
CA GLU A 76 -10.01 12.55 7.80
C GLU A 76 -11.03 13.13 6.81
N LYS A 77 -10.87 12.71 5.56
CA LYS A 77 -11.80 13.05 4.49
C LYS A 77 -12.34 11.77 3.90
N ILE A 78 -13.64 11.80 3.66
CA ILE A 78 -14.35 10.68 3.10
C ILE A 78 -14.71 11.02 1.66
N SER A 79 -14.39 10.13 0.74
CA SER A 79 -14.54 10.34 -0.68
C SER A 79 -15.33 9.17 -1.28
N MET A 80 -16.18 9.50 -2.23
CA MET A 80 -16.92 8.50 -3.02
C MET A 80 -16.18 8.20 -4.30
N LEU A 81 -16.43 7.02 -4.86
N LEU A 81 -16.41 7.03 -4.87
CA LEU A 81 -15.82 6.58 -6.12
CA LEU A 81 -15.76 6.65 -6.12
C LEU A 81 -16.62 7.00 -7.34
C LEU A 81 -16.59 6.93 -7.37
N GLU A 82 -15.91 7.53 -8.34
CA GLU A 82 -16.52 7.79 -9.65
C GLU A 82 -16.43 6.53 -10.50
N LYS A 83 -15.25 5.93 -10.54
CA LYS A 83 -15.05 4.78 -11.40
C LYS A 83 -13.85 3.97 -10.90
N ILE A 84 -13.99 2.65 -11.03
CA ILE A 84 -12.96 1.68 -10.77
C ILE A 84 -12.38 1.18 -12.12
N TYR A 85 -11.05 1.03 -12.15
CA TYR A 85 -10.33 0.51 -13.33
C TYR A 85 -9.41 -0.59 -12.85
N ILE A 86 -9.64 -1.79 -13.28
CA ILE A 86 -8.85 -2.95 -12.91
C ILE A 86 -7.95 -3.30 -14.08
N HIS A 87 -6.73 -3.72 -13.83
CA HIS A 87 -5.90 -4.08 -14.96
C HIS A 87 -6.60 -5.16 -15.78
N PRO A 88 -6.67 -4.98 -17.12
CA PRO A 88 -7.39 -5.96 -17.93
C PRO A 88 -6.77 -7.36 -17.99
N ARG A 89 -5.48 -7.46 -17.67
CA ARG A 89 -4.78 -8.77 -17.66
C ARG A 89 -4.46 -9.24 -16.24
N TYR A 90 -5.14 -8.71 -15.25
CA TYR A 90 -5.05 -9.22 -13.87
C TYR A 90 -5.47 -10.68 -13.85
N ASN A 91 -4.58 -11.50 -13.34
CA ASN A 91 -4.76 -12.95 -13.39
C ASN A 91 -5.25 -13.49 -12.06
N TRP A 92 -6.54 -13.29 -11.79
CA TRP A 92 -7.20 -13.80 -10.58
C TRP A 92 -7.39 -15.28 -10.61
N ARG A 93 -7.31 -15.91 -11.79
CA ARG A 93 -7.49 -17.36 -11.87
C ARG A 93 -6.34 -18.16 -11.31
N GLU A 94 -5.11 -17.62 -11.41
CA GLU A 94 -3.92 -18.37 -11.08
C GLU A 94 -3.06 -17.80 -9.95
N ASN A 95 -2.34 -16.70 -10.20
CA ASN A 95 -1.29 -16.22 -9.31
C ASN A 95 -1.35 -14.74 -9.00
N LEU A 96 -2.46 -14.07 -9.32
CA LEU A 96 -2.63 -12.64 -9.06
C LEU A 96 -1.64 -11.79 -9.83
N ASP A 97 -1.20 -12.26 -10.99
CA ASP A 97 -0.28 -11.45 -11.80
C ASP A 97 -1.03 -10.16 -12.18
N ARG A 98 -0.31 -9.05 -12.16
CA ARG A 98 -0.88 -7.73 -12.48
C ARG A 98 -2.01 -7.33 -11.53
N ASP A 99 -1.74 -7.48 -10.25
CA ASP A 99 -2.71 -7.22 -9.20
C ASP A 99 -2.73 -5.73 -8.88
N ILE A 100 -3.46 -4.97 -9.70
CA ILE A 100 -3.45 -3.53 -9.61
C ILE A 100 -4.76 -2.96 -10.12
N ALA A 101 -5.23 -1.92 -9.43
CA ALA A 101 -6.44 -1.24 -9.79
C ALA A 101 -6.29 0.23 -9.43
N LEU A 102 -7.00 1.06 -10.17
CA LEU A 102 -7.14 2.48 -9.90
C LEU A 102 -8.57 2.84 -9.62
N MET A 103 -8.74 3.81 -8.74
N MET A 103 -8.75 3.83 -8.76
CA MET A 103 -10.03 4.37 -8.43
CA MET A 103 -10.06 4.33 -8.46
C MET A 103 -9.95 5.88 -8.63
C MET A 103 -9.99 5.86 -8.59
N LYS A 104 -10.90 6.40 -9.40
CA LYS A 104 -11.08 7.84 -9.53
C LYS A 104 -12.14 8.31 -8.56
N LEU A 105 -11.83 9.37 -7.81
CA LEU A 105 -12.66 9.93 -6.79
C LEU A 105 -13.66 10.84 -7.49
N LYS A 106 -14.88 10.96 -6.94
CA LYS A 106 -15.91 11.84 -7.50
C LYS A 106 -15.49 13.31 -7.50
N LYS A 107 -14.77 13.72 -6.47
CA LYS A 107 -14.27 15.10 -6.33
C LYS A 107 -12.85 15.08 -5.87
N PRO A 108 -12.06 16.13 -6.20
CA PRO A 108 -10.68 16.11 -5.75
C PRO A 108 -10.57 16.35 -4.24
N VAL A 109 -9.66 15.66 -3.59
CA VAL A 109 -9.51 15.80 -2.15
C VAL A 109 -8.48 16.90 -1.86
N ALA A 110 -8.77 17.71 -0.84
CA ALA A 110 -7.86 18.77 -0.43
C ALA A 110 -6.73 18.18 0.38
N PHE A 111 -5.51 18.59 0.05
CA PHE A 111 -4.35 18.12 0.80
C PHE A 111 -4.21 18.88 2.09
N SER A 112 -3.55 18.27 3.07
CA SER A 112 -3.42 18.83 4.42
C SER A 112 -2.20 18.24 5.07
N ASP A 113 -2.02 18.50 6.36
CA ASP A 113 -0.91 17.88 7.09
C ASP A 113 -1.00 16.37 7.09
N TYR A 114 -2.22 15.86 6.92
CA TYR A 114 -2.53 14.43 7.08
C TYR A 114 -2.79 13.74 5.78
N ILE A 115 -2.86 14.50 4.69
CA ILE A 115 -3.32 13.98 3.40
C ILE A 115 -2.42 14.54 2.32
N HIS A 116 -1.65 13.67 1.67
CA HIS A 116 -0.66 14.13 0.73
C HIS A 116 -0.30 12.93 -0.13
N PRO A 117 -0.13 13.12 -1.45
CA PRO A 117 0.12 11.98 -2.35
C PRO A 117 1.55 11.47 -2.31
N VAL A 118 1.71 10.19 -2.59
CA VAL A 118 3.04 9.53 -2.68
C VAL A 118 3.50 9.62 -4.14
N CYS A 119 4.81 9.56 -4.41
CA CYS A 119 5.31 9.50 -5.79
C CYS A 119 5.27 8.11 -6.37
N LEU A 120 5.13 8.04 -7.68
CA LEU A 120 5.30 6.78 -8.39
C LEU A 120 6.68 6.77 -9.03
N PRO A 121 7.36 5.62 -9.00
CA PRO A 121 8.70 5.52 -9.57
C PRO A 121 8.75 5.61 -11.07
N ASP A 122 9.85 6.15 -11.56
CA ASP A 122 10.19 6.02 -12.97
C ASP A 122 11.23 4.91 -13.09
N ARG A 123 11.71 4.67 -14.31
CA ARG A 123 12.58 3.53 -14.55
C ARG A 123 13.84 3.61 -13.71
N GLU A 124 14.36 4.82 -13.60
CA GLU A 124 15.60 5.06 -12.87
C GLU A 124 15.41 4.81 -11.38
N THR A 125 14.24 5.23 -10.85
CA THR A 125 13.90 4.98 -9.45
C THR A 125 13.89 3.52 -9.16
N ALA A 126 13.20 2.75 -10.00
CA ALA A 126 13.08 1.33 -9.78
C ALA A 126 14.41 0.62 -9.82
N ALA A 127 15.26 0.98 -10.76
CA ALA A 127 16.58 0.35 -10.89
C ALA A 127 17.44 0.63 -9.66
N SER A 128 17.38 1.86 -9.15
CA SER A 128 18.19 2.25 -8.00
C SER A 128 17.74 1.61 -6.69
N LEU A 129 16.44 1.51 -6.50
CA LEU A 129 15.85 1.15 -5.22
C LEU A 129 15.41 -0.33 -5.09
N LEU A 130 14.97 -0.95 -6.18
N LEU A 130 15.01 -0.98 -6.18
CA LEU A 130 14.50 -2.34 -6.11
CA LEU A 130 14.50 -2.37 -6.09
C LEU A 130 15.73 -3.27 -6.15
C LEU A 130 15.60 -3.41 -6.07
N GLN A 131 16.36 -3.42 -5.00
CA GLN A 131 17.55 -4.26 -4.87
C GLN A 131 17.41 -5.09 -3.62
N ALA A 132 17.83 -6.36 -3.70
CA ALA A 132 17.77 -7.26 -2.55
C ALA A 132 18.48 -6.65 -1.35
N GLY A 133 17.83 -6.68 -0.19
CA GLY A 133 18.33 -6.12 1.04
C GLY A 133 17.91 -4.70 1.31
N TYR A 134 17.54 -3.97 0.26
CA TYR A 134 17.03 -2.61 0.47
C TYR A 134 15.69 -2.73 1.13
N LYS A 135 15.38 -1.86 2.09
CA LYS A 135 14.18 -1.98 2.85
C LYS A 135 13.16 -0.97 2.37
N GLY A 136 11.92 -1.39 2.36
CA GLY A 136 10.79 -0.52 2.20
C GLY A 136 9.88 -0.62 3.40
N ARG A 137 8.79 0.11 3.36
CA ARG A 137 7.89 0.27 4.46
C ARG A 137 6.47 -0.09 4.02
N VAL A 138 5.77 -0.84 4.86
CA VAL A 138 4.39 -1.24 4.62
C VAL A 138 3.58 -0.77 5.81
N THR A 139 2.38 -0.28 5.54
CA THR A 139 1.49 0.33 6.55
C THR A 139 0.08 -0.19 6.35
N GLY A 140 -0.68 -0.24 7.44
CA GLY A 140 -2.06 -0.64 7.32
C GLY A 140 -2.74 -0.86 8.63
N TRP A 141 -4.04 -1.08 8.53
CA TRP A 141 -4.92 -1.28 9.69
C TRP A 141 -5.38 -2.73 9.77
N GLY A 142 -4.66 -3.62 9.11
CA GLY A 142 -5.02 -5.03 9.09
C GLY A 142 -4.70 -5.75 10.40
N ASN A 143 -4.98 -7.03 10.39
CA ASN A 143 -4.80 -7.87 11.57
C ASN A 143 -3.39 -7.82 12.11
N LEU A 144 -3.28 -7.92 13.43
CA LEU A 144 -2.00 -7.96 14.11
C LEU A 144 -1.39 -9.37 14.17
N LYS A 145 -2.20 -10.38 13.91
CA LYS A 145 -1.79 -11.78 13.95
C LYS A 145 -2.50 -12.54 12.83
N GLU A 146 -1.88 -13.61 12.36
CA GLU A 146 -2.52 -14.45 11.36
C GLU A 146 -3.85 -15.00 11.88
N THR A 147 -3.86 -15.49 13.12
CA THR A 147 -5.07 -16.03 13.74
C THR A 147 -5.42 -15.23 14.99
N GLY A 155 -5.62 -8.55 18.39
CA GLY A 155 -6.37 -8.85 17.17
C GLY A 155 -6.29 -7.78 16.10
N GLN A 156 -7.05 -6.70 16.26
CA GLN A 156 -7.05 -5.56 15.35
C GLN A 156 -6.46 -4.33 16.05
N PRO A 157 -5.73 -3.48 15.32
CA PRO A 157 -5.02 -2.35 15.92
C PRO A 157 -5.94 -1.17 16.23
N SER A 158 -5.58 -0.37 17.22
CA SER A 158 -6.26 0.88 17.47
C SER A 158 -5.87 1.93 16.44
N VAL A 159 -4.60 1.95 16.03
CA VAL A 159 -4.13 2.92 15.05
C VAL A 159 -3.28 2.27 13.96
N LEU A 160 -3.06 3.04 12.91
CA LEU A 160 -2.27 2.62 11.77
C LEU A 160 -0.96 2.01 12.23
N GLN A 161 -0.59 0.88 11.62
CA GLN A 161 0.66 0.17 11.94
C GLN A 161 1.63 0.30 10.80
N VAL A 162 2.91 0.21 11.14
CA VAL A 162 3.99 0.33 10.18
C VAL A 162 5.04 -0.75 10.44
N VAL A 163 5.64 -1.23 9.37
CA VAL A 163 6.81 -2.11 9.53
C VAL A 163 7.71 -1.93 8.31
N ASN A 164 9.02 -1.99 8.54
CA ASN A 164 10.00 -1.90 7.48
C ASN A 164 10.52 -3.31 7.17
N LEU A 165 10.65 -3.63 5.90
CA LEU A 165 10.99 -4.98 5.47
C LEU A 165 11.94 -4.96 4.28
N PRO A 166 12.93 -5.84 4.25
CA PRO A 166 13.87 -5.91 3.14
C PRO A 166 13.35 -6.64 1.92
N ILE A 167 13.69 -6.14 0.74
CA ILE A 167 13.39 -6.85 -0.50
C ILE A 167 14.25 -8.11 -0.51
N VAL A 168 13.67 -9.21 -0.97
CA VAL A 168 14.31 -10.50 -0.97
C VAL A 168 14.77 -10.89 -2.40
N GLU A 169 15.88 -11.62 -2.47
CA GLU A 169 16.41 -12.12 -3.74
C GLU A 169 15.38 -12.97 -4.45
N ARG A 170 15.27 -12.79 -5.76
CA ARG A 170 14.23 -13.47 -6.51
C ARG A 170 14.28 -14.99 -6.38
N PRO A 171 15.47 -15.63 -6.44
CA PRO A 171 15.45 -17.07 -6.28
C PRO A 171 14.92 -17.52 -4.91
N VAL A 172 15.19 -16.74 -3.88
CA VAL A 172 14.72 -17.07 -2.55
C VAL A 172 13.22 -16.95 -2.51
N CYS A 173 12.67 -15.89 -3.10
CA CYS A 173 11.23 -15.74 -3.21
C CYS A 173 10.60 -16.92 -3.96
N LYS A 174 11.20 -17.30 -5.08
CA LYS A 174 10.65 -18.36 -5.93
C LYS A 174 10.67 -19.70 -5.19
N ASP A 175 11.73 -19.95 -4.44
CA ASP A 175 11.90 -21.19 -3.71
C ASP A 175 11.02 -21.29 -2.48
N SER A 176 10.27 -20.24 -2.13
CA SER A 176 9.49 -20.21 -0.89
C SER A 176 8.06 -20.66 -1.06
N THR A 177 7.64 -20.83 -2.33
CA THR A 177 6.24 -21.01 -2.63
C THR A 177 6.09 -21.91 -3.83
N ARG A 178 4.93 -22.55 -3.93
CA ARG A 178 4.55 -23.30 -5.11
C ARG A 178 3.88 -22.44 -6.18
N ILE A 179 3.50 -21.23 -5.82
CA ILE A 179 2.84 -20.34 -6.75
C ILE A 179 3.87 -19.80 -7.76
N ARG A 180 3.44 -19.65 -9.02
CA ARG A 180 4.29 -19.13 -10.08
C ARG A 180 4.47 -17.63 -9.90
N ILE A 181 5.72 -17.21 -9.76
CA ILE A 181 6.05 -15.80 -9.57
C ILE A 181 6.37 -15.19 -10.91
N THR A 182 5.93 -13.95 -11.13
CA THR A 182 6.23 -13.26 -12.36
C THR A 182 7.07 -12.01 -12.14
N ASP A 183 7.53 -11.43 -13.24
CA ASP A 183 8.32 -10.22 -13.18
C ASP A 183 7.52 -9.04 -12.65
N ASN A 184 6.20 -9.15 -12.61
CA ASN A 184 5.35 -8.09 -12.10
C ASN A 184 5.13 -8.16 -10.60
N MET A 185 5.91 -9.01 -9.92
CA MET A 185 5.88 -9.18 -8.48
C MET A 185 7.27 -9.07 -7.91
N PHE A 186 7.36 -8.67 -6.65
CA PHE A 186 8.57 -8.88 -5.88
C PHE A 186 8.18 -9.34 -4.51
N CYS A 187 9.13 -9.86 -3.73
CA CYS A 187 8.81 -10.24 -2.35
C CYS A 187 9.69 -9.53 -1.36
N ALA A 188 9.19 -9.46 -0.14
CA ALA A 188 9.91 -8.77 0.93
C ALA A 188 9.62 -9.44 2.27
N GLY A 189 10.55 -9.31 3.20
CA GLY A 189 10.43 -9.89 4.52
C GLY A 189 11.77 -10.40 4.97
N TYR A 190 11.85 -10.69 6.25
CA TYR A 190 13.07 -11.23 6.84
C TYR A 190 13.14 -12.73 6.68
N LYS A 191 14.36 -13.25 6.57
CA LYS A 191 14.61 -14.67 6.53
C LYS A 191 14.59 -15.23 7.95
N PRO A 192 14.33 -16.53 8.09
CA PRO A 192 14.44 -17.20 9.40
C PRO A 192 15.69 -16.84 10.18
N ASP A 193 16.84 -16.86 9.53
CA ASP A 193 18.13 -16.59 10.20
C ASP A 193 18.36 -15.13 10.59
N GLU A 194 17.49 -14.22 10.17
CA GLU A 194 17.71 -12.79 10.42
C GLU A 194 17.18 -12.26 11.77
N GLY A 195 16.34 -13.00 12.48
CA GLY A 195 15.90 -12.56 13.81
C GLY A 195 14.83 -11.46 13.90
N LYS A 196 14.73 -10.60 12.90
CA LYS A 196 13.60 -9.64 12.83
C LYS A 196 12.42 -10.30 12.15
N ARG A 197 11.24 -9.72 12.36
CA ARG A 197 9.99 -10.28 11.86
C ARG A 197 9.14 -9.17 11.29
N GLY A 198 7.99 -9.53 10.72
CA GLY A 198 7.05 -8.52 10.24
C GLY A 198 6.45 -8.92 8.90
N ASP A 199 5.20 -8.54 8.70
CA ASP A 199 4.52 -8.86 7.46
C ASP A 199 3.23 -8.07 7.44
N ALA A 200 2.69 -7.92 6.23
CA ALA A 200 1.32 -7.50 6.05
C ALA A 200 0.39 -8.66 6.39
N CYS A 201 -0.90 -8.37 6.58
CA CYS A 201 -1.89 -9.41 6.85
C CYS A 201 -3.26 -8.96 6.36
N GLU A 202 -4.27 -9.77 6.61
CA GLU A 202 -5.63 -9.45 6.21
C GLU A 202 -6.01 -8.05 6.68
N GLY A 203 -6.49 -7.24 5.75
CA GLY A 203 -6.84 -5.85 6.00
C GLY A 203 -5.84 -4.87 5.45
N ASP A 204 -4.61 -5.35 5.22
CA ASP A 204 -3.51 -4.52 4.74
C ASP A 204 -3.35 -4.59 3.25
N SER A 205 -3.99 -5.56 2.63
CA SER A 205 -3.73 -5.71 1.21
C SER A 205 -4.28 -4.55 0.42
N GLY A 206 -3.58 -4.28 -0.69
CA GLY A 206 -3.87 -3.11 -1.47
C GLY A 206 -3.11 -1.89 -1.02
N GLY A 207 -2.54 -1.93 0.19
CA GLY A 207 -1.80 -0.80 0.69
C GLY A 207 -0.43 -0.68 0.08
N PRO A 208 0.27 0.39 0.35
CA PRO A 208 1.56 0.68 -0.26
C PRO A 208 2.78 0.10 0.40
N PHE A 209 3.74 -0.31 -0.43
CA PHE A 209 5.14 -0.59 -0.02
C PHE A 209 5.96 0.59 -0.55
N VAL A 210 6.50 1.42 0.34
CA VAL A 210 7.16 2.65 -0.03
C VAL A 210 8.62 2.64 0.34
N MET A 211 9.41 3.42 -0.39
CA MET A 211 10.87 3.56 -0.14
C MET A 211 11.20 5.04 -0.25
N LYS A 212 12.11 5.53 0.57
CA LYS A 212 12.48 6.95 0.55
C LYS A 212 13.74 7.08 -0.26
N SER A 213 13.68 7.72 -1.40
CA SER A 213 14.86 7.82 -2.21
C SER A 213 15.95 8.60 -1.51
N PRO A 214 17.17 8.03 -1.45
CA PRO A 214 18.26 8.77 -0.83
C PRO A 214 18.87 9.84 -1.74
N PHE A 215 18.37 9.91 -2.99
CA PHE A 215 18.85 10.90 -3.96
C PHE A 215 18.08 12.21 -3.86
N ASN A 216 16.76 12.13 -3.67
CA ASN A 216 15.92 13.33 -3.67
C ASN A 216 15.00 13.43 -2.47
N ASN A 217 15.14 12.50 -1.52
CA ASN A 217 14.45 12.52 -0.24
C ASN A 217 12.93 12.46 -0.37
N ARG A 218 12.42 11.92 -1.47
CA ARG A 218 10.98 11.71 -1.66
C ARG A 218 10.60 10.26 -1.47
N TRP A 219 9.39 10.06 -0.95
CA TRP A 219 8.82 8.73 -0.88
C TRP A 219 8.15 8.28 -2.18
N TYR A 220 8.51 7.07 -2.60
CA TYR A 220 8.00 6.40 -3.79
C TYR A 220 7.29 5.12 -3.44
N GLN A 221 6.13 4.91 -4.04
CA GLN A 221 5.40 3.65 -3.91
C GLN A 221 5.95 2.65 -4.90
N MET A 222 6.75 1.71 -4.43
CA MET A 222 7.37 0.70 -5.27
C MET A 222 6.52 -0.53 -5.41
N GLY A 223 5.65 -0.80 -4.42
CA GLY A 223 4.79 -1.99 -4.43
C GLY A 223 3.43 -1.78 -3.88
N ILE A 224 2.59 -2.77 -4.15
CA ILE A 224 1.29 -2.86 -3.55
C ILE A 224 1.21 -4.20 -2.82
N VAL A 225 0.70 -4.23 -1.60
CA VAL A 225 0.54 -5.50 -0.88
C VAL A 225 -0.43 -6.38 -1.68
N SER A 226 0.08 -7.49 -2.18
CA SER A 226 -0.69 -8.34 -3.09
C SER A 226 -1.07 -9.68 -2.47
N TRP A 227 -0.12 -10.51 -2.03
CA TRP A 227 -0.51 -11.83 -1.56
C TRP A 227 0.52 -12.43 -0.67
N GLY A 228 0.11 -13.47 0.02
CA GLY A 228 1.01 -14.23 0.84
C GLY A 228 0.33 -15.49 1.26
N GLU A 229 1.05 -16.28 2.02
CA GLU A 229 0.51 -17.54 2.53
C GLU A 229 0.65 -17.46 4.03
N GLY A 230 -0.48 -17.26 4.69
CA GLY A 230 -0.48 -16.93 6.10
C GLY A 230 0.02 -15.51 6.28
N CYS A 231 0.49 -15.20 7.48
CA CYS A 231 1.11 -13.90 7.76
C CYS A 231 2.26 -14.11 8.73
N ASP A 232 3.41 -13.55 8.38
CA ASP A 232 4.60 -13.60 9.23
C ASP A 232 5.09 -15.00 9.52
N ARG A 233 4.89 -15.94 8.61
CA ARG A 233 5.39 -17.30 8.78
C ARG A 233 6.87 -17.36 8.43
N ASP A 234 7.60 -18.14 9.23
CA ASP A 234 9.01 -18.38 8.95
C ASP A 234 9.15 -19.03 7.58
N GLY A 235 10.04 -18.48 6.77
CA GLY A 235 10.33 -19.04 5.46
C GLY A 235 9.37 -18.65 4.37
N LYS A 236 8.35 -17.86 4.75
CA LYS A 236 7.40 -17.29 3.79
C LYS A 236 7.65 -15.80 3.72
N TYR A 237 7.28 -15.21 2.58
CA TYR A 237 7.50 -13.81 2.28
C TYR A 237 6.24 -13.20 1.72
N GLY A 238 6.07 -11.93 1.96
CA GLY A 238 4.96 -11.23 1.35
C GLY A 238 5.28 -10.90 -0.09
N PHE A 239 4.28 -10.95 -0.96
CA PHE A 239 4.44 -10.59 -2.36
C PHE A 239 3.70 -9.29 -2.66
N TYR A 240 4.32 -8.51 -3.53
CA TYR A 240 3.96 -7.15 -3.82
C TYR A 240 3.89 -6.98 -5.32
N THR A 241 2.91 -6.24 -5.78
CA THR A 241 2.83 -5.86 -7.16
C THR A 241 3.89 -4.85 -7.47
N HIS A 242 4.64 -5.05 -8.54
CA HIS A 242 5.75 -4.20 -8.93
C HIS A 242 5.19 -2.99 -9.69
N VAL A 243 5.06 -1.86 -8.99
CA VAL A 243 4.39 -0.70 -9.53
C VAL A 243 5.05 -0.19 -10.79
N PHE A 244 6.38 -0.05 -10.78
CA PHE A 244 7.00 0.48 -11.99
C PHE A 244 6.67 -0.36 -13.22
N ARG A 245 6.70 -1.69 -13.10
CA ARG A 245 6.44 -2.59 -14.21
C ARG A 245 5.02 -2.37 -14.78
N LEU A 246 4.13 -1.79 -13.98
CA LEU A 246 2.77 -1.56 -14.46
C LEU A 246 2.47 -0.09 -14.71
N LYS A 247 3.51 0.74 -14.75
CA LYS A 247 3.30 2.18 -14.87
C LYS A 247 2.74 2.60 -16.22
N LYS A 248 3.09 1.89 -17.28
CA LYS A 248 2.54 2.20 -18.59
C LYS A 248 1.02 2.09 -18.54
N TRP A 249 0.49 1.09 -17.86
CA TRP A 249 -0.97 0.94 -17.72
C TRP A 249 -1.55 2.06 -16.85
N ILE A 250 -0.88 2.39 -15.75
CA ILE A 250 -1.34 3.44 -14.86
C ILE A 250 -1.45 4.76 -15.64
N GLN A 251 -0.41 5.08 -16.40
CA GLN A 251 -0.38 6.31 -17.18
C GLN A 251 -1.47 6.33 -18.23
N LYS A 252 -1.67 5.21 -18.92
CA LYS A 252 -2.69 5.08 -19.95
C LYS A 252 -4.08 5.38 -19.39
N VAL A 253 -4.41 4.82 -18.25
CA VAL A 253 -5.67 5.06 -17.57
C VAL A 253 -5.84 6.52 -17.17
N ILE A 254 -4.86 7.08 -16.48
CA ILE A 254 -4.93 8.47 -16.06
C ILE A 254 -5.01 9.41 -17.27
N ASP A 255 -4.23 9.14 -18.32
CA ASP A 255 -4.26 9.98 -19.53
C ASP A 255 -5.61 9.94 -20.23
N GLN A 256 -6.23 8.78 -20.27
CA GLN A 256 -7.49 8.58 -20.95
C GLN A 256 -8.68 9.14 -20.18
N PHE A 257 -8.70 8.90 -18.87
CA PHE A 257 -9.88 9.17 -18.04
C PHE A 257 -9.67 10.27 -17.03
N PHE B 2 -16.75 -0.04 14.12
CA PHE B 2 -16.48 1.29 13.57
C PHE B 2 -17.47 2.34 14.05
N GLU B 3 -16.96 3.53 14.35
CA GLU B 3 -17.84 4.64 14.71
C GLU B 3 -18.62 5.08 13.47
N GLU B 4 -19.85 5.51 13.68
CA GLU B 4 -20.67 5.95 12.57
C GLU B 4 -20.05 7.16 11.89
N ILE B 5 -20.24 7.27 10.58
N ILE B 5 -20.26 7.25 10.58
CA ILE B 5 -19.72 8.38 9.80
CA ILE B 5 -19.78 8.35 9.76
C ILE B 5 -20.87 9.32 9.42
C ILE B 5 -20.93 9.33 9.48
N PRO B 6 -20.68 10.64 9.57
CA PRO B 6 -21.70 11.61 9.14
C PRO B 6 -21.87 11.62 7.62
N ALA C 1 3.80 17.83 -8.09
CA ALA C 1 5.16 18.45 -7.93
C ALA C 1 5.78 18.16 -6.55
N ASP C 2 4.95 18.16 -5.51
CA ASP C 2 5.39 17.97 -4.14
C ASP C 2 5.09 16.54 -3.69
N CYS C 3 4.91 15.61 -4.63
CA CYS C 3 4.60 14.23 -4.24
C CYS C 3 5.72 13.70 -3.36
N GLY C 4 5.33 12.90 -2.39
CA GLY C 4 6.27 12.17 -1.59
C GLY C 4 7.05 12.94 -0.56
N LEU C 5 6.65 14.18 -0.34
CA LEU C 5 7.29 15.01 0.68
C LEU C 5 6.21 15.30 1.73
N ARG C 6 6.36 14.74 2.91
CA ARG C 6 5.29 14.76 3.92
C ARG C 6 5.29 16.10 4.66
N PRO C 7 4.10 16.75 4.74
CA PRO C 7 3.99 18.01 5.48
C PRO C 7 4.60 18.01 6.89
N LEU C 8 4.43 16.91 7.63
CA LEU C 8 4.90 16.88 9.01
C LEU C 8 6.32 16.33 9.17
N PHE C 9 6.95 15.99 8.06
CA PHE C 9 8.29 15.46 8.08
C PHE C 9 9.17 16.19 7.12
N GLU C 10 9.33 15.73 5.87
CA GLU C 10 10.28 16.35 4.95
C GLU C 10 10.01 17.85 4.80
N LYS C 11 8.78 18.29 4.75
CA LYS C 11 8.50 19.70 4.53
C LYS C 11 9.05 20.58 5.64
N LYS C 12 9.21 20.03 6.86
CA LYS C 12 9.69 20.80 7.98
C LYS C 12 11.05 20.26 8.48
N SER C 13 11.71 19.47 7.65
CA SER C 13 12.97 18.84 7.97
C SER C 13 13.00 18.09 9.31
N LEU C 14 11.93 17.33 9.56
CA LEU C 14 11.87 16.37 10.68
C LEU C 14 11.90 14.96 10.10
N GLU C 15 12.49 14.04 10.82
CA GLU C 15 12.54 12.66 10.39
C GLU C 15 11.72 11.80 11.30
N ASP C 16 11.05 10.79 10.73
CA ASP C 16 10.30 9.86 11.55
C ASP C 16 11.27 8.88 12.26
N LYS C 17 10.71 8.06 13.15
CA LYS C 17 11.49 7.25 14.07
C LYS C 17 12.22 6.09 13.42
N THR C 18 11.79 5.66 12.24
CA THR C 18 12.45 4.51 11.60
C THR C 18 12.94 4.70 10.17
N GLU C 19 12.83 5.89 9.60
CA GLU C 19 13.30 6.08 8.24
C GLU C 19 14.82 5.89 8.12
N ARG C 20 15.58 6.12 9.19
CA ARG C 20 17.00 5.88 9.12
C ARG C 20 17.36 4.39 8.86
N GLU C 21 16.54 3.49 9.38
CA GLU C 21 16.67 2.06 9.05
C GLU C 21 16.62 1.82 7.55
N LEU C 22 15.73 2.53 6.87
CA LEU C 22 15.62 2.40 5.40
C LEU C 22 16.91 2.91 4.78
N LEU C 23 17.31 4.12 5.14
CA LEU C 23 18.53 4.72 4.57
C LEU C 23 19.72 3.82 4.72
N GLU C 24 19.92 3.29 5.92
CA GLU C 24 21.05 2.43 6.22
C GLU C 24 21.07 1.18 5.38
N SER C 25 19.93 0.74 4.89
CA SER C 25 19.84 -0.42 4.00
C SER C 25 20.16 -0.11 2.55
N TYR C 26 20.28 1.18 2.20
CA TYR C 26 20.51 1.59 0.81
C TYR C 26 22.00 1.72 0.65
N ILE C 27 22.68 0.59 0.46
CA ILE C 27 24.13 0.51 0.57
C ILE C 27 24.89 0.55 -0.76
N ASP C 28 24.25 0.21 -1.87
CA ASP C 28 24.90 0.36 -3.17
C ASP C 28 24.58 1.74 -3.73
#